data_4Y6X
#
_entry.id   4Y6X
#
_cell.length_a   91.580
_cell.length_b   74.670
_cell.length_c   85.500
_cell.angle_alpha   90.000
_cell.angle_beta   123.730
_cell.angle_gamma   90.000
#
_symmetry.space_group_name_H-M   'C 1 2 1'
#
loop_
_entity.id
_entity.type
_entity.pdbx_description
1 polymer 'Coat protein'
2 water water
#
_entity_poly.entity_id   1
_entity_poly.type   'polypeptide(L)'
_entity_poly.pdbx_seq_one_letter_code
;MTAPIPVVPVSRPQAKTSLKLPNNQVWVTRKASEWSAKTIDTNDAIPFKTIVEGIPEINSETKFYRLLIGFVAVSDGTFG
MVDGVTGDVIPDPPVVGRLGFKKNTYRSRDFDLGGKLLNQLDDRAIVWCLDERRRDAKRVQLAGYWIAISKPAPLMPPED
FLVNQD
;
_entity_poly.pdbx_strand_id   A,B,C
#
# COMPACT_ATOMS: atom_id res chain seq x y z
N SER A 18 -14.43 -12.54 -23.55
CA SER A 18 -13.66 -13.80 -23.47
C SER A 18 -13.31 -14.16 -22.03
N LEU A 19 -13.64 -13.30 -21.05
CA LEU A 19 -13.77 -13.72 -19.63
C LEU A 19 -15.20 -13.98 -19.17
N LYS A 20 -16.16 -13.78 -20.07
CA LYS A 20 -17.56 -14.12 -19.76
C LYS A 20 -17.76 -15.62 -19.89
N LEU A 21 -18.60 -16.17 -19.03
CA LEU A 21 -18.96 -17.62 -19.10
C LEU A 21 -20.46 -17.90 -19.43
N PRO A 22 -20.78 -19.10 -19.95
CA PRO A 22 -22.20 -19.49 -19.97
C PRO A 22 -22.73 -19.52 -18.54
N ASN A 23 -24.02 -19.53 -18.46
CA ASN A 23 -24.73 -19.41 -17.18
C ASN A 23 -24.61 -20.66 -16.31
N ASN A 24 -24.28 -21.80 -16.89
CA ASN A 24 -24.02 -22.98 -16.09
C ASN A 24 -22.53 -23.23 -15.65
N GLN A 25 -21.69 -22.21 -15.75
CA GLN A 25 -20.27 -22.30 -15.32
C GLN A 25 -19.93 -21.15 -14.37
N VAL A 26 -18.93 -21.33 -13.51
CA VAL A 26 -18.34 -20.26 -12.72
C VAL A 26 -16.81 -20.32 -12.77
N TRP A 27 -16.21 -19.21 -12.41
CA TRP A 27 -14.78 -19.07 -12.20
C TRP A 27 -14.46 -19.41 -10.78
N VAL A 28 -13.42 -20.20 -10.59
CA VAL A 28 -12.79 -20.34 -9.32
C VAL A 28 -11.31 -20.09 -9.49
N THR A 29 -10.62 -19.78 -8.39
CA THR A 29 -9.22 -19.39 -8.49
C THR A 29 -8.52 -19.86 -7.27
N ARG A 30 -7.20 -19.97 -7.38
CA ARG A 30 -6.34 -19.94 -6.20
C ARG A 30 -4.98 -19.42 -6.47
N LYS A 31 -4.34 -18.99 -5.39
CA LYS A 31 -3.03 -18.35 -5.42
C LYS A 31 -2.00 -19.33 -5.84
N ALA A 32 -1.05 -18.90 -6.63
CA ALA A 32 0.04 -19.79 -7.04
C ALA A 32 1.24 -19.66 -6.06
N SER A 33 1.94 -20.74 -5.77
CA SER A 33 3.21 -20.65 -4.97
C SER A 33 4.37 -19.99 -5.72
N GLU A 34 5.21 -19.24 -4.98
CA GLU A 34 6.50 -18.71 -5.54
C GLU A 34 7.44 -19.86 -5.76
N TRP A 35 8.29 -19.78 -6.76
CA TRP A 35 9.15 -20.87 -7.13
C TRP A 35 10.50 -20.68 -6.47
N SER A 36 10.98 -21.72 -5.82
CA SER A 36 12.31 -21.65 -5.24
C SER A 36 13.40 -21.94 -6.29
N ALA A 37 14.61 -21.56 -5.94
CA ALA A 37 15.76 -21.89 -6.73
C ALA A 37 15.88 -23.39 -6.85
N LYS A 38 16.52 -23.90 -7.90
CA LYS A 38 16.72 -25.34 -7.92
C LYS A 38 18.15 -25.79 -8.22
N THR A 39 18.47 -26.99 -7.74
CA THR A 39 19.81 -27.55 -7.80
C THR A 39 19.94 -28.58 -8.93
N ILE A 40 18.83 -29.19 -9.35
CA ILE A 40 18.81 -30.20 -10.41
C ILE A 40 18.71 -29.52 -11.77
N ASP A 41 19.13 -30.23 -12.81
CA ASP A 41 18.73 -29.88 -14.19
C ASP A 41 17.46 -30.61 -14.57
N THR A 42 16.36 -29.88 -14.72
CA THR A 42 15.10 -30.47 -15.20
C THR A 42 14.18 -29.42 -15.82
N ASN A 43 13.05 -29.91 -16.34
CA ASN A 43 11.90 -29.09 -16.72
C ASN A 43 11.15 -28.60 -15.49
N ASP A 44 10.59 -27.40 -15.59
CA ASP A 44 9.65 -26.89 -14.60
C ASP A 44 8.24 -27.23 -15.03
N ALA A 45 7.53 -27.99 -14.21
CA ALA A 45 6.21 -28.50 -14.53
C ALA A 45 5.31 -28.29 -13.34
N ILE A 46 4.09 -27.84 -13.58
CA ILE A 46 3.06 -27.89 -12.56
C ILE A 46 1.92 -28.81 -12.97
N PRO A 47 1.69 -29.92 -12.23
CA PRO A 47 0.63 -30.84 -12.58
C PRO A 47 -0.74 -30.27 -12.32
N PHE A 48 -1.70 -30.65 -13.16
CA PHE A 48 -3.08 -30.19 -13.00
C PHE A 48 -3.69 -30.56 -11.65
N LYS A 49 -3.40 -31.74 -11.12
CA LYS A 49 -3.95 -32.11 -9.80
C LYS A 49 -3.52 -31.13 -8.75
N THR A 50 -2.30 -30.61 -8.82
CA THR A 50 -1.79 -29.61 -7.89
C THR A 50 -2.50 -28.29 -8.07
N ILE A 51 -2.78 -27.89 -9.31
CA ILE A 51 -3.45 -26.65 -9.53
C ILE A 51 -4.81 -26.63 -8.84
N VAL A 52 -5.49 -27.76 -8.86
CA VAL A 52 -6.83 -27.91 -8.33
C VAL A 52 -6.89 -28.17 -6.83
N GLU A 53 -5.86 -28.77 -6.26
CA GLU A 53 -5.80 -29.00 -4.82
C GLU A 53 -6.08 -27.71 -4.06
N GLY A 54 -6.97 -27.82 -3.06
CA GLY A 54 -7.29 -26.66 -2.22
C GLY A 54 -8.29 -25.70 -2.85
N ILE A 55 -9.26 -26.24 -3.61
CA ILE A 55 -10.38 -25.47 -4.11
C ILE A 55 -11.65 -26.19 -3.69
N PRO A 56 -12.36 -25.66 -2.69
CA PRO A 56 -13.52 -26.39 -2.13
C PRO A 56 -14.72 -26.66 -3.07
N GLU A 57 -15.02 -25.79 -4.02
CA GLU A 57 -16.10 -26.02 -5.01
C GLU A 57 -15.91 -27.27 -5.95
N ILE A 58 -14.77 -27.95 -5.84
CA ILE A 58 -14.39 -28.99 -6.77
C ILE A 58 -14.48 -30.39 -6.15
N ASN A 59 -15.06 -31.32 -6.89
CA ASN A 59 -15.18 -32.71 -6.47
C ASN A 59 -15.13 -33.62 -7.69
N SER A 60 -15.43 -34.91 -7.50
CA SER A 60 -15.40 -35.93 -8.57
C SER A 60 -16.37 -35.72 -9.73
N GLU A 61 -17.46 -35.02 -9.46
CA GLU A 61 -18.45 -34.68 -10.48
C GLU A 61 -18.17 -33.35 -11.23
N THR A 62 -17.17 -32.57 -10.82
CA THR A 62 -16.95 -31.29 -11.47
C THR A 62 -16.47 -31.46 -12.91
N LYS A 63 -17.05 -30.77 -13.85
CA LYS A 63 -16.52 -30.67 -15.19
C LYS A 63 -15.69 -29.36 -15.33
N PHE A 64 -14.62 -29.41 -16.10
CA PHE A 64 -13.63 -28.36 -16.25
C PHE A 64 -13.66 -27.85 -17.67
N TYR A 65 -13.83 -26.55 -17.85
CA TYR A 65 -13.91 -25.96 -19.17
C TYR A 65 -12.72 -25.12 -19.62
N ARG A 66 -12.09 -24.36 -18.73
CA ARG A 66 -10.96 -23.48 -19.14
C ARG A 66 -10.01 -23.38 -18.00
N LEU A 67 -8.74 -23.33 -18.30
CA LEU A 67 -7.74 -22.96 -17.35
C LEU A 67 -7.02 -21.72 -17.91
N LEU A 68 -6.96 -20.66 -17.14
CA LEU A 68 -6.22 -19.44 -17.47
C LEU A 68 -5.01 -19.34 -16.64
N ILE A 69 -3.86 -19.12 -17.30
CA ILE A 69 -2.67 -18.84 -16.58
C ILE A 69 -2.00 -17.58 -17.07
N GLY A 70 -1.32 -16.91 -16.16
CA GLY A 70 -0.55 -15.71 -16.52
C GLY A 70 0.73 -15.75 -15.77
N PHE A 71 1.77 -15.25 -16.37
CA PHE A 71 3.07 -15.26 -15.73
C PHE A 71 3.99 -14.25 -16.31
N VAL A 72 5.02 -13.94 -15.54
CA VAL A 72 6.18 -13.19 -16.01
C VAL A 72 7.41 -14.04 -15.75
N ALA A 73 8.33 -14.13 -16.70
CA ALA A 73 9.56 -14.92 -16.50
C ALA A 73 10.83 -14.01 -16.55
N VAL A 74 11.92 -14.47 -15.97
CA VAL A 74 13.18 -13.73 -16.04
C VAL A 74 14.03 -14.04 -17.31
N SER A 75 13.53 -14.86 -18.23
CA SER A 75 14.26 -15.18 -19.45
C SER A 75 13.22 -15.45 -20.56
N ASP A 76 13.65 -15.41 -21.82
CA ASP A 76 12.87 -15.93 -22.94
C ASP A 76 12.69 -17.42 -22.74
N GLY A 77 11.69 -18.00 -23.36
CA GLY A 77 11.54 -19.44 -23.32
C GLY A 77 10.29 -19.87 -24.00
N THR A 78 9.88 -21.11 -23.73
CA THR A 78 8.65 -21.61 -24.26
C THR A 78 7.87 -22.36 -23.17
N PHE A 79 6.58 -22.52 -23.41
CA PHE A 79 5.76 -23.26 -22.51
C PHE A 79 4.57 -23.90 -23.18
N GLY A 80 4.00 -24.86 -22.48
CA GLY A 80 2.71 -25.41 -22.92
C GLY A 80 2.25 -26.55 -22.07
N MET A 81 1.08 -27.07 -22.40
CA MET A 81 0.45 -28.16 -21.66
C MET A 81 0.86 -29.50 -22.22
N VAL A 82 1.18 -30.44 -21.36
CA VAL A 82 1.50 -31.82 -21.76
C VAL A 82 0.58 -32.82 -21.07
N ASP A 83 0.42 -34.01 -21.69
CA ASP A 83 -0.50 -35.10 -21.24
C ASP A 83 0.17 -36.35 -20.66
N GLY A 84 1.48 -36.45 -20.72
CA GLY A 84 2.08 -37.76 -20.35
C GLY A 84 2.14 -38.15 -18.87
N VAL A 85 1.81 -37.27 -17.93
CA VAL A 85 2.32 -37.45 -16.57
C VAL A 85 1.21 -37.80 -15.59
N ILE A 90 8.36 -37.61 -15.02
CA ILE A 90 9.30 -36.60 -15.53
C ILE A 90 8.83 -36.11 -16.93
N PRO A 91 7.98 -35.07 -16.96
CA PRO A 91 7.26 -34.74 -18.21
C PRO A 91 8.13 -34.16 -19.34
N ASP A 92 7.78 -34.52 -20.57
CA ASP A 92 8.50 -34.11 -21.76
C ASP A 92 8.22 -32.62 -21.97
N PRO A 93 9.14 -31.94 -22.68
CA PRO A 93 8.74 -30.62 -23.15
C PRO A 93 7.42 -30.72 -23.99
N PRO A 94 6.57 -29.69 -23.95
CA PRO A 94 5.34 -29.74 -24.75
C PRO A 94 5.64 -29.63 -26.24
N VAL A 95 4.89 -30.33 -27.09
CA VAL A 95 4.96 -30.16 -28.53
C VAL A 95 3.78 -29.36 -29.08
N VAL A 96 2.63 -29.99 -29.20
CA VAL A 96 1.45 -29.32 -29.76
C VAL A 96 1.04 -28.17 -28.86
N GLY A 97 0.80 -27.00 -29.45
CA GLY A 97 0.46 -25.82 -28.72
C GLY A 97 1.56 -25.12 -27.96
N ARG A 98 2.83 -25.55 -28.11
CA ARG A 98 3.94 -24.90 -27.46
C ARG A 98 3.94 -23.45 -27.90
N LEU A 99 4.15 -22.52 -26.96
CA LEU A 99 4.21 -21.10 -27.28
C LEU A 99 5.45 -20.46 -26.64
N GLY A 100 5.93 -19.39 -27.24
CA GLY A 100 7.04 -18.61 -26.76
C GLY A 100 6.61 -17.50 -25.80
N PHE A 101 7.57 -17.06 -25.00
CA PHE A 101 7.45 -15.85 -24.16
C PHE A 101 8.79 -15.14 -24.10
N LYS A 102 8.73 -13.88 -23.69
CA LYS A 102 9.88 -13.00 -23.59
C LYS A 102 10.17 -12.59 -22.15
N LYS A 103 11.43 -12.24 -21.89
CA LYS A 103 11.87 -11.86 -20.58
C LYS A 103 11.08 -10.68 -20.12
N ASN A 104 10.72 -10.67 -18.83
CA ASN A 104 10.02 -9.56 -18.19
C ASN A 104 8.82 -9.07 -18.94
N THR A 105 8.12 -9.94 -19.62
CA THR A 105 6.90 -9.54 -20.32
C THR A 105 5.76 -10.48 -19.92
N TYR A 106 4.71 -9.90 -19.36
CA TYR A 106 3.52 -10.69 -18.99
C TYR A 106 3.07 -11.51 -20.19
N ARG A 107 2.81 -12.76 -19.97
CA ARG A 107 2.25 -13.65 -20.97
C ARG A 107 1.07 -14.38 -20.38
N SER A 108 0.03 -14.58 -21.15
CA SER A 108 -1.05 -15.38 -20.63
C SER A 108 -1.53 -16.40 -21.63
N ARG A 109 -2.33 -17.34 -21.17
CA ARG A 109 -2.85 -18.40 -22.03
C ARG A 109 -4.13 -18.96 -21.47
N ASP A 110 -5.10 -19.18 -22.35
CA ASP A 110 -6.35 -19.89 -22.04
C ASP A 110 -6.30 -21.28 -22.58
N PHE A 111 -6.35 -22.28 -21.74
CA PHE A 111 -6.30 -23.68 -22.19
C PHE A 111 -7.74 -24.19 -22.15
N ASP A 112 -8.19 -24.85 -23.22
CA ASP A 112 -9.55 -25.42 -23.30
C ASP A 112 -9.46 -26.81 -22.67
N LEU A 113 -10.31 -27.07 -21.69
CA LEU A 113 -10.24 -28.36 -20.99
C LEU A 113 -11.37 -29.31 -21.42
N GLY A 114 -12.25 -28.84 -22.30
CA GLY A 114 -13.17 -29.74 -22.99
C GLY A 114 -14.37 -30.28 -22.23
N GLY A 115 -14.69 -29.70 -21.07
CA GLY A 115 -15.80 -30.23 -20.28
C GLY A 115 -15.48 -31.54 -19.59
N LYS A 116 -14.21 -31.84 -19.36
CA LYS A 116 -13.82 -33.12 -18.84
C LYS A 116 -13.84 -33.13 -17.32
N LEU A 117 -13.84 -34.34 -16.75
CA LEU A 117 -13.74 -34.54 -15.30
C LEU A 117 -12.29 -34.63 -14.91
N LEU A 118 -12.04 -34.47 -13.63
CA LEU A 118 -10.68 -34.50 -13.08
C LEU A 118 -9.90 -35.78 -13.42
N ASN A 119 -10.55 -36.93 -13.34
CA ASN A 119 -9.87 -38.18 -13.65
C ASN A 119 -9.38 -38.24 -15.09
N GLN A 120 -9.98 -37.47 -15.99
CA GLN A 120 -9.52 -37.38 -17.38
C GLN A 120 -8.42 -36.32 -17.60
N LEU A 121 -8.19 -35.43 -16.64
CA LEU A 121 -7.19 -34.37 -16.75
C LEU A 121 -6.03 -34.54 -15.78
N ASP A 122 -6.09 -35.54 -14.92
CA ASP A 122 -5.11 -35.64 -13.83
C ASP A 122 -3.72 -36.11 -14.28
N ASP A 123 -3.55 -36.46 -15.57
CA ASP A 123 -2.24 -36.71 -16.15
C ASP A 123 -1.60 -35.44 -16.83
N ARG A 124 -2.24 -34.29 -16.76
CA ARG A 124 -1.80 -33.09 -17.45
C ARG A 124 -0.92 -32.18 -16.59
N ALA A 125 -0.05 -31.45 -17.24
CA ALA A 125 0.78 -30.48 -16.59
C ALA A 125 1.06 -29.34 -17.51
N ILE A 126 1.42 -28.21 -16.91
CA ILE A 126 1.98 -27.12 -17.69
C ILE A 126 3.48 -27.14 -17.47
N VAL A 127 4.22 -27.00 -18.54
CA VAL A 127 5.65 -27.10 -18.52
C VAL A 127 6.28 -25.86 -19.14
N TRP A 128 7.29 -25.31 -18.47
CA TRP A 128 8.08 -24.19 -18.95
C TRP A 128 9.52 -24.62 -19.26
N CYS A 129 10.05 -24.14 -20.39
CA CYS A 129 11.49 -24.32 -20.75
C CYS A 129 12.14 -22.94 -20.92
N LEU A 130 13.03 -22.59 -20.02
CA LEU A 130 13.70 -21.32 -20.08
C LEU A 130 15.01 -21.43 -20.84
N ASP A 131 15.31 -20.40 -21.62
CA ASP A 131 16.58 -20.27 -22.35
C ASP A 131 17.74 -20.05 -21.41
N GLU A 132 17.55 -19.17 -20.42
CA GLU A 132 18.59 -18.76 -19.51
C GLU A 132 18.04 -18.71 -18.05
N ARG A 133 18.94 -18.59 -17.09
CA ARG A 133 18.59 -18.50 -15.65
C ARG A 133 17.68 -19.61 -15.17
N ARG A 134 17.98 -20.81 -15.67
CA ARG A 134 17.09 -21.96 -15.54
C ARG A 134 16.90 -22.48 -14.12
N ARG A 135 17.73 -21.99 -13.20
CA ARG A 135 17.72 -22.45 -11.81
C ARG A 135 17.39 -21.36 -10.79
N ASP A 136 17.22 -20.13 -11.26
CA ASP A 136 16.93 -18.97 -10.37
C ASP A 136 15.62 -19.02 -9.62
N ALA A 137 15.63 -18.48 -8.40
CA ALA A 137 14.42 -18.33 -7.65
C ALA A 137 13.53 -17.33 -8.41
N LYS A 138 12.23 -17.57 -8.36
CA LYS A 138 11.22 -16.75 -9.04
C LYS A 138 11.48 -16.62 -10.51
N ARG A 139 12.07 -17.61 -11.11
CA ARG A 139 12.42 -17.53 -12.51
C ARG A 139 11.14 -17.43 -13.37
N VAL A 140 10.05 -18.00 -12.90
CA VAL A 140 8.70 -17.75 -13.41
C VAL A 140 7.79 -17.34 -12.23
N GLN A 141 7.09 -16.25 -12.35
CA GLN A 141 6.17 -15.80 -11.32
C GLN A 141 4.77 -15.88 -11.90
N LEU A 142 3.94 -16.71 -11.29
CA LEU A 142 2.60 -17.00 -11.75
C LEU A 142 1.59 -16.16 -11.04
N ALA A 143 0.64 -15.62 -11.78
CA ALA A 143 -0.57 -15.05 -11.20
C ALA A 143 -1.41 -16.15 -10.62
N GLY A 144 -2.47 -15.81 -9.92
CA GLY A 144 -3.48 -16.82 -9.54
C GLY A 144 -3.94 -17.69 -10.73
N TYR A 145 -4.25 -18.95 -10.49
CA TYR A 145 -4.83 -19.84 -11.49
C TYR A 145 -6.31 -19.57 -11.53
N TRP A 146 -6.89 -19.49 -12.73
CA TRP A 146 -8.34 -19.30 -12.86
C TRP A 146 -8.87 -20.50 -13.66
N ILE A 147 -9.92 -21.12 -13.18
CA ILE A 147 -10.50 -22.28 -13.77
C ILE A 147 -12.00 -22.07 -13.89
N ALA A 148 -12.54 -22.30 -15.07
CA ALA A 148 -13.97 -22.29 -15.28
C ALA A 148 -14.46 -23.73 -15.13
N ILE A 149 -15.41 -23.90 -14.19
CA ILE A 149 -15.98 -25.17 -13.86
C ILE A 149 -17.50 -25.14 -13.94
N SER A 150 -18.09 -26.30 -13.95
CA SER A 150 -19.55 -26.43 -13.79
C SER A 150 -19.97 -25.81 -12.47
N LYS A 151 -21.04 -25.04 -12.54
CA LYS A 151 -21.52 -24.26 -11.41
C LYS A 151 -21.99 -25.17 -10.28
N PRO A 152 -21.42 -25.00 -9.07
CA PRO A 152 -21.79 -25.86 -7.96
C PRO A 152 -23.09 -25.39 -7.31
N ALA A 153 -23.72 -26.24 -6.52
CA ALA A 153 -24.80 -25.77 -5.62
C ALA A 153 -24.26 -24.71 -4.63
N PRO A 154 -25.13 -23.87 -4.07
CA PRO A 154 -24.65 -22.91 -3.05
C PRO A 154 -23.90 -23.60 -1.90
N LEU A 155 -22.78 -23.04 -1.53
CA LEU A 155 -21.91 -23.71 -0.60
C LEU A 155 -22.54 -23.70 0.82
N MET A 156 -22.47 -24.83 1.52
CA MET A 156 -23.16 -24.96 2.80
C MET A 156 -22.34 -25.93 3.61
N PRO A 157 -22.18 -25.70 4.94
CA PRO A 157 -21.49 -26.75 5.72
C PRO A 157 -22.29 -28.06 5.75
N PRO A 158 -21.63 -29.20 5.96
CA PRO A 158 -22.41 -30.45 6.03
C PRO A 158 -23.40 -30.36 7.16
N GLU A 159 -24.50 -31.07 7.00
CA GLU A 159 -25.59 -31.08 7.96
C GLU A 159 -25.13 -31.50 9.37
N ASP A 160 -24.18 -32.41 9.45
CA ASP A 160 -23.70 -32.85 10.75
C ASP A 160 -22.53 -31.99 11.28
N PHE A 161 -22.31 -30.79 10.73
CA PHE A 161 -21.21 -30.00 11.23
C PHE A 161 -21.34 -29.54 12.70
N LEU A 162 -22.56 -29.19 13.12
CA LEU A 162 -22.74 -28.64 14.45
C LEU A 162 -23.29 -29.63 15.46
N VAL A 163 -23.07 -30.92 15.25
CA VAL A 163 -23.21 -31.93 16.30
C VAL A 163 -22.32 -31.53 17.48
N ASN A 164 -22.88 -31.64 18.70
CA ASN A 164 -22.14 -31.42 19.97
C ASN A 164 -21.53 -30.02 20.00
N GLN A 165 -22.40 -29.03 19.74
CA GLN A 165 -22.02 -27.60 19.74
C GLN A 165 -22.40 -26.93 21.05
N SER B 18 -7.61 8.42 -22.97
CA SER B 18 -7.59 9.88 -23.27
C SER B 18 -7.30 10.69 -22.02
N LEU B 19 -6.66 11.84 -22.20
CA LEU B 19 -6.31 12.68 -21.08
C LEU B 19 -7.43 13.64 -20.69
N LYS B 20 -8.52 13.71 -21.47
CA LYS B 20 -9.59 14.69 -21.19
C LYS B 20 -10.38 14.18 -20.04
N LEU B 21 -10.70 15.05 -19.10
CA LEU B 21 -11.42 14.60 -17.92
C LEU B 21 -12.86 15.12 -17.90
N PRO B 22 -13.76 14.42 -17.19
CA PRO B 22 -15.07 15.02 -16.94
C PRO B 22 -14.92 16.31 -16.22
N ASN B 23 -16.00 17.11 -16.21
CA ASN B 23 -15.97 18.47 -15.69
C ASN B 23 -15.78 18.58 -14.20
N ASN B 24 -16.14 17.54 -13.48
CA ASN B 24 -15.96 17.59 -12.06
C ASN B 24 -14.55 17.08 -11.60
N GLN B 25 -13.60 16.95 -12.53
CA GLN B 25 -12.24 16.40 -12.21
C GLN B 25 -11.15 17.26 -12.78
N VAL B 26 -9.99 17.28 -12.16
CA VAL B 26 -8.85 18.04 -12.66
C VAL B 26 -7.60 17.20 -12.50
N TRP B 27 -6.58 17.57 -13.26
CA TRP B 27 -5.26 17.06 -13.14
C TRP B 27 -4.49 17.92 -12.15
N VAL B 28 -3.75 17.27 -11.26
CA VAL B 28 -2.75 17.92 -10.46
C VAL B 28 -1.45 17.13 -10.60
N THR B 29 -0.34 17.77 -10.31
CA THR B 29 0.95 17.16 -10.50
C THR B 29 1.93 17.66 -9.46
N ARG B 30 2.98 16.92 -9.23
CA ARG B 30 4.12 17.44 -8.50
C ARG B 30 5.37 16.70 -8.92
N LYS B 31 6.49 17.34 -8.65
CA LYS B 31 7.79 16.83 -9.01
C LYS B 31 8.08 15.65 -8.10
N ALA B 32 8.69 14.63 -8.66
CA ALA B 32 9.09 13.47 -7.87
C ALA B 32 10.45 13.68 -7.16
N SER B 33 10.64 13.09 -5.98
CA SER B 33 11.98 13.02 -5.31
C SER B 33 13.00 12.16 -6.05
N GLU B 34 14.27 12.57 -5.99
CA GLU B 34 15.39 11.77 -6.52
C GLU B 34 15.66 10.61 -5.57
N TRP B 35 16.14 9.47 -6.08
CA TRP B 35 16.29 8.30 -5.20
C TRP B 35 17.75 8.22 -4.73
N SER B 36 17.96 8.09 -3.43
CA SER B 36 19.31 7.95 -2.94
C SER B 36 19.74 6.49 -3.00
N ALA B 37 21.05 6.28 -2.95
CA ALA B 37 21.62 4.94 -2.89
C ALA B 37 21.06 4.24 -1.67
N LYS B 38 21.02 2.93 -1.69
CA LYS B 38 20.58 2.27 -0.45
C LYS B 38 21.48 1.13 0.00
N THR B 39 21.35 0.81 1.27
CA THR B 39 21.87 -0.40 1.86
C THR B 39 20.62 -1.03 2.50
N ILE B 40 20.09 -2.12 1.94
CA ILE B 40 18.84 -2.67 2.48
C ILE B 40 18.47 -3.96 1.79
N THR B 42 14.71 -4.39 1.33
CA THR B 42 13.32 -4.10 0.92
C THR B 42 13.28 -3.82 -0.59
N ASN B 43 12.14 -4.03 -1.25
CA ASN B 43 11.94 -3.66 -2.71
C ASN B 43 12.03 -2.13 -2.85
N ASP B 44 12.10 -1.54 -4.06
CA ASP B 44 11.87 -0.07 -4.17
C ASP B 44 10.39 0.15 -4.36
N ALA B 45 9.84 0.98 -3.52
CA ALA B 45 8.40 1.18 -3.46
C ALA B 45 8.19 2.64 -3.15
N ILE B 46 7.21 3.24 -3.79
CA ILE B 46 6.73 4.50 -3.38
C ILE B 46 5.27 4.39 -2.97
N PRO B 47 5.00 4.63 -1.71
CA PRO B 47 3.62 4.51 -1.25
C PRO B 47 2.78 5.61 -1.85
N PHE B 48 1.54 5.30 -2.10
CA PHE B 48 0.60 6.31 -2.56
C PHE B 48 0.46 7.53 -1.64
N LYS B 49 0.47 7.35 -0.33
CA LYS B 49 0.40 8.51 0.59
C LYS B 49 1.56 9.52 0.40
N THR B 50 2.75 9.02 0.06
CA THR B 50 3.87 9.89 -0.27
C THR B 50 3.68 10.62 -1.57
N ILE B 51 3.13 9.95 -2.57
CA ILE B 51 2.89 10.59 -3.83
C ILE B 51 2.02 11.85 -3.68
N VAL B 52 1.05 11.74 -2.82
CA VAL B 52 0.10 12.78 -2.63
C VAL B 52 0.53 13.87 -1.66
N GLU B 53 1.41 13.56 -0.72
CA GLU B 53 1.95 14.59 0.21
C GLU B 53 2.48 15.82 -0.54
N GLY B 54 2.10 17.01 -0.09
CA GLY B 54 2.57 18.26 -0.70
C GLY B 54 1.86 18.65 -2.00
N ILE B 55 0.58 18.34 -2.09
CA ILE B 55 -0.26 18.83 -3.17
C ILE B 55 -1.39 19.55 -2.45
N PRO B 56 -1.40 20.87 -2.49
CA PRO B 56 -2.41 21.61 -1.74
C PRO B 56 -3.90 21.36 -2.11
N GLU B 57 -4.22 21.06 -3.36
CA GLU B 57 -5.61 20.76 -3.79
C GLU B 57 -6.23 19.48 -3.20
N ILE B 58 -5.45 18.72 -2.44
CA ILE B 58 -5.87 17.43 -1.91
C ILE B 58 -6.17 17.43 -0.41
N ASN B 59 -7.27 16.82 -0.02
CA ASN B 59 -7.64 16.78 1.38
C ASN B 59 -8.30 15.44 1.63
N SER B 60 -8.84 15.25 2.84
CA SER B 60 -9.40 13.93 3.23
C SER B 60 -10.61 13.52 2.41
N GLU B 61 -11.28 14.49 1.81
CA GLU B 61 -12.51 14.22 1.02
C GLU B 61 -12.22 14.09 -0.49
N THR B 62 -10.97 14.29 -0.92
CA THR B 62 -10.67 14.18 -2.36
C THR B 62 -10.86 12.72 -2.84
N LYS B 63 -11.52 12.57 -3.98
CA LYS B 63 -11.57 11.28 -4.67
C LYS B 63 -10.47 11.23 -5.75
N PHE B 64 -9.90 10.05 -6.00
CA PHE B 64 -8.80 9.83 -6.92
C PHE B 64 -9.25 8.98 -8.05
N TYR B 65 -9.10 9.44 -9.28
CA TYR B 65 -9.46 8.69 -10.44
C TYR B 65 -8.34 8.06 -11.23
N ARG B 66 -7.19 8.73 -11.38
CA ARG B 66 -6.13 8.21 -12.27
C ARG B 66 -4.80 8.63 -11.75
N LEU B 67 -3.81 7.76 -11.84
CA LEU B 67 -2.45 8.13 -11.54
C LEU B 67 -1.58 7.76 -12.77
N LEU B 68 -0.82 8.73 -13.24
CA LEU B 68 0.10 8.56 -14.34
C LEU B 68 1.51 8.67 -13.82
N ILE B 69 2.32 7.69 -14.15
CA ILE B 69 3.69 7.74 -13.84
C ILE B 69 4.54 7.44 -15.04
N GLY B 70 5.72 8.08 -15.03
CA GLY B 70 6.69 7.86 -16.08
C GLY B 70 8.06 7.85 -15.47
N PHE B 71 8.96 7.09 -16.06
CA PHE B 71 10.27 6.98 -15.50
C PHE B 71 11.23 6.43 -16.51
N VAL B 72 12.53 6.65 -16.22
CA VAL B 72 13.62 5.94 -16.85
C VAL B 72 14.43 5.22 -15.76
N ALA B 73 14.79 3.97 -15.98
CA ALA B 73 15.64 3.24 -15.05
C ALA B 73 17.02 2.95 -15.61
N VAL B 74 18.00 2.76 -14.72
CA VAL B 74 19.37 2.35 -15.18
C VAL B 74 19.56 0.84 -15.47
N SER B 75 18.51 0.06 -15.35
CA SER B 75 18.58 -1.37 -15.62
C SER B 75 17.23 -1.84 -16.15
N ASP B 76 17.20 -3.00 -16.79
CA ASP B 76 15.93 -3.69 -17.12
C ASP B 76 15.24 -4.12 -15.82
N GLY B 77 13.95 -4.42 -15.87
CA GLY B 77 13.25 -4.87 -14.69
C GLY B 77 11.75 -4.88 -14.92
N THR B 78 10.98 -4.96 -13.84
CA THR B 78 9.53 -4.87 -13.96
C THR B 78 8.98 -4.01 -12.85
N PHE B 79 7.75 -3.55 -13.04
CA PHE B 79 7.12 -2.75 -12.05
C PHE B 79 5.64 -2.89 -12.07
N GLY B 80 5.04 -2.51 -10.95
CA GLY B 80 3.54 -2.49 -10.89
C GLY B 80 3.04 -2.01 -9.53
N MET B 81 1.73 -1.87 -9.42
CA MET B 81 1.09 -1.34 -8.20
C MET B 81 0.70 -2.52 -7.30
N VAL B 82 0.96 -2.41 -6.02
CA VAL B 82 0.55 -3.40 -5.05
C VAL B 82 -0.35 -2.80 -3.98
N ASP B 83 -1.14 -3.67 -3.36
CA ASP B 83 -2.11 -3.37 -2.32
C ASP B 83 -1.59 -3.93 -0.98
N GLY B 84 -2.33 -3.75 0.09
CA GLY B 84 -1.95 -4.23 1.42
C GLY B 84 -0.46 -4.18 1.74
N VAL B 85 0.06 -2.97 1.95
CA VAL B 85 1.33 -2.76 2.62
C VAL B 85 1.13 -1.80 3.78
N VAL B 89 7.17 -3.59 5.62
CA VAL B 89 7.20 -4.80 4.79
C VAL B 89 6.64 -4.50 3.40
N ILE B 90 7.45 -4.61 2.34
CA ILE B 90 7.06 -4.27 0.94
C ILE B 90 6.97 -5.51 0.00
N PRO B 91 5.77 -5.93 -0.37
CA PRO B 91 5.63 -7.09 -1.28
C PRO B 91 6.09 -6.84 -2.71
N ASP B 92 6.49 -7.88 -3.42
CA ASP B 92 6.60 -7.83 -4.91
C ASP B 92 5.30 -7.35 -5.56
N PRO B 93 5.42 -6.66 -6.72
CA PRO B 93 4.19 -6.39 -7.47
C PRO B 93 3.38 -7.67 -7.83
N PRO B 94 2.06 -7.58 -7.89
CA PRO B 94 1.37 -8.70 -8.46
C PRO B 94 1.84 -8.96 -9.94
N VAL B 95 1.48 -10.14 -10.44
CA VAL B 95 1.94 -10.56 -11.72
C VAL B 95 1.02 -9.94 -12.68
N VAL B 96 -0.26 -9.98 -12.42
CA VAL B 96 -1.22 -9.37 -13.35
C VAL B 96 -1.03 -7.86 -13.36
N GLY B 97 -0.95 -7.29 -14.54
CA GLY B 97 -0.66 -5.87 -14.73
C GLY B 97 0.82 -5.48 -14.62
N ARG B 98 1.74 -6.42 -14.46
CA ARG B 98 3.16 -6.13 -14.36
C ARG B 98 3.61 -5.65 -15.71
N LEU B 99 4.39 -4.57 -15.73
CA LEU B 99 5.06 -4.16 -16.96
C LEU B 99 6.56 -4.25 -16.85
N GLY B 100 7.17 -4.68 -17.92
CA GLY B 100 8.60 -4.71 -18.05
C GLY B 100 9.14 -3.35 -18.52
N PHE B 101 10.38 -3.06 -18.16
CA PHE B 101 11.03 -1.90 -18.71
C PHE B 101 12.48 -2.23 -19.08
N LYS B 102 13.04 -1.39 -19.95
CA LYS B 102 14.44 -1.58 -20.45
C LYS B 102 15.29 -0.45 -19.93
N LYS B 103 16.57 -0.72 -19.81
CA LYS B 103 17.55 0.23 -19.38
C LYS B 103 17.47 1.47 -20.23
N ASN B 104 17.51 2.62 -19.56
CA ASN B 104 17.52 3.94 -20.18
C ASN B 104 16.37 4.33 -21.12
N THR B 105 15.27 3.59 -21.10
CA THR B 105 14.17 3.78 -22.04
C THR B 105 12.93 4.23 -21.25
N TYR B 106 12.33 5.33 -21.68
CA TYR B 106 11.16 5.90 -21.00
C TYR B 106 10.03 4.87 -20.99
N ARG B 107 9.45 4.67 -19.83
CA ARG B 107 8.31 3.84 -19.71
C ARG B 107 7.24 4.60 -18.96
N SER B 108 6.00 4.39 -19.30
CA SER B 108 4.94 5.04 -18.53
C SER B 108 3.79 4.08 -18.21
N ARG B 109 2.90 4.50 -17.33
CA ARG B 109 1.73 3.70 -17.00
C ARG B 109 0.66 4.61 -16.46
N ASP B 110 -0.57 4.35 -16.88
CA ASP B 110 -1.81 4.94 -16.31
C ASP B 110 -2.49 3.94 -15.37
N PHE B 111 -2.63 4.26 -14.10
CA PHE B 111 -3.27 3.37 -13.12
C PHE B 111 -4.69 3.92 -12.84
N ASP B 112 -5.69 3.04 -12.83
CA ASP B 112 -7.12 3.43 -12.55
C ASP B 112 -7.29 3.37 -11.05
N LEU B 113 -7.76 4.45 -10.44
CA LEU B 113 -7.85 4.46 -8.97
C LEU B 113 -9.29 4.33 -8.49
N GLY B 114 -10.23 4.29 -9.41
CA GLY B 114 -11.62 3.94 -9.06
C GLY B 114 -12.52 4.95 -8.30
N GLY B 115 -12.13 6.21 -8.23
CA GLY B 115 -12.91 7.19 -7.53
C GLY B 115 -12.82 7.03 -6.03
N LYS B 116 -11.76 6.41 -5.52
CA LYS B 116 -11.66 6.14 -4.14
C LYS B 116 -11.07 7.30 -3.34
N LEU B 117 -11.26 7.26 -2.02
CA LEU B 117 -10.65 8.19 -1.11
C LEU B 117 -9.29 7.71 -0.69
N LEU B 118 -8.51 8.62 -0.18
CA LEU B 118 -7.17 8.31 0.29
C LEU B 118 -7.13 7.18 1.30
N ASN B 119 -8.07 7.12 2.26
CA ASN B 119 -8.01 6.03 3.27
C ASN B 119 -8.24 4.65 2.66
N GLN B 120 -8.85 4.59 1.48
CA GLN B 120 -8.97 3.34 0.73
C GLN B 120 -7.76 3.03 -0.17
N LEU B 121 -6.87 4.00 -0.39
CA LEU B 121 -5.69 3.84 -1.26
C LEU B 121 -4.36 3.91 -0.48
N ASP B 122 -4.45 4.13 0.83
CA ASP B 122 -3.29 4.30 1.71
C ASP B 122 -2.51 3.00 1.95
N ASP B 123 -3.03 1.86 1.53
CA ASP B 123 -2.30 0.61 1.57
C ASP B 123 -1.53 0.34 0.25
N ARG B 124 -1.65 1.22 -0.75
CA ARG B 124 -1.10 0.99 -2.09
C ARG B 124 0.28 1.60 -2.27
N ALA B 125 1.03 0.97 -3.17
CA ALA B 125 2.35 1.45 -3.53
C ALA B 125 2.72 1.02 -4.93
N ILE B 126 3.63 1.76 -5.54
CA ILE B 126 4.21 1.34 -6.80
C ILE B 126 5.56 0.77 -6.49
N VAL B 127 5.84 -0.39 -7.07
CA VAL B 127 7.03 -1.12 -6.73
C VAL B 127 7.80 -1.44 -7.98
N TRP B 128 9.11 -1.24 -7.94
CA TRP B 128 10.03 -1.59 -9.02
C TRP B 128 10.94 -2.69 -8.61
N CYS B 129 11.17 -3.65 -9.51
CA CYS B 129 12.17 -4.71 -9.31
C CYS B 129 13.19 -4.62 -10.44
N LEU B 130 14.38 -4.18 -10.09
CA LEU B 130 15.45 -4.04 -11.02
C LEU B 130 16.29 -5.30 -11.10
N ASP B 131 16.68 -5.66 -12.33
CA ASP B 131 17.56 -6.80 -12.59
C ASP B 131 18.97 -6.55 -12.02
N GLU B 132 19.49 -5.34 -12.20
CA GLU B 132 20.85 -5.03 -11.73
C GLU B 132 20.90 -3.62 -11.14
N ARG B 133 22.04 -3.26 -10.55
CA ARG B 133 22.29 -1.92 -9.99
C ARG B 133 21.23 -1.52 -8.97
N ARG B 134 20.83 -2.51 -8.20
CA ARG B 134 19.65 -2.40 -7.34
C ARG B 134 19.80 -1.43 -6.18
N ARG B 135 21.02 -1.01 -5.88
CA ARG B 135 21.29 -0.14 -4.76
C ARG B 135 21.79 1.22 -5.16
N ASP B 136 22.04 1.42 -6.44
CA ASP B 136 22.64 2.69 -6.92
C ASP B 136 21.74 3.91 -6.77
N ALA B 137 22.37 5.05 -6.52
CA ALA B 137 21.67 6.32 -6.50
C ALA B 137 21.08 6.60 -7.88
N LYS B 138 19.93 7.25 -7.91
CA LYS B 138 19.24 7.62 -9.16
C LYS B 138 18.96 6.41 -10.04
N ARG B 139 18.79 5.22 -9.44
CA ARG B 139 18.59 4.00 -10.27
C ARG B 139 17.27 4.05 -11.06
N VAL B 140 16.29 4.77 -10.51
CA VAL B 140 15.03 5.09 -11.23
C VAL B 140 14.84 6.61 -11.17
N GLN B 141 14.57 7.22 -12.28
CA GLN B 141 14.31 8.62 -12.31
C GLN B 141 12.88 8.81 -12.76
N LEU B 142 12.10 9.43 -11.91
CA LEU B 142 10.67 9.64 -12.16
C LEU B 142 10.36 11.00 -12.73
N ALA B 143 9.47 11.03 -13.70
CA ALA B 143 8.89 12.27 -14.17
C ALA B 143 7.95 12.74 -13.06
N GLY B 144 7.38 13.92 -13.22
CA GLY B 144 6.33 14.34 -12.30
C GLY B 144 5.19 13.31 -12.22
N TYR B 145 4.58 13.21 -11.05
CA TYR B 145 3.37 12.41 -10.86
C TYR B 145 2.18 13.24 -11.35
N TRP B 146 1.26 12.64 -12.08
CA TRP B 146 0.03 13.29 -12.50
C TRP B 146 -1.10 12.48 -11.90
N ILE B 147 -2.04 13.14 -11.27
CA ILE B 147 -3.19 12.51 -10.64
C ILE B 147 -4.46 13.24 -11.04
N ALA B 148 -5.50 12.49 -11.38
CA ALA B 148 -6.81 13.06 -11.70
C ALA B 148 -7.66 12.91 -10.46
N ILE B 149 -8.12 14.04 -9.95
CA ILE B 149 -8.85 14.12 -8.72
C ILE B 149 -10.16 14.90 -8.87
N SER B 150 -11.06 14.75 -7.89
CA SER B 150 -12.28 15.58 -7.79
C SER B 150 -11.89 17.05 -7.67
N LYS B 151 -12.59 17.86 -8.45
CA LYS B 151 -12.24 19.28 -8.56
C LYS B 151 -12.33 19.97 -7.20
N PRO B 152 -11.23 20.61 -6.76
CA PRO B 152 -11.21 21.33 -5.49
C PRO B 152 -11.81 22.73 -5.51
N ALA B 153 -11.96 23.30 -4.33
CA ALA B 153 -12.22 24.73 -4.20
C ALA B 153 -11.03 25.48 -4.80
N PRO B 154 -11.23 26.73 -5.23
CA PRO B 154 -10.11 27.50 -5.82
C PRO B 154 -8.92 27.58 -4.83
N LEU B 155 -7.72 27.41 -5.34
CA LEU B 155 -6.56 27.33 -4.55
C LEU B 155 -6.26 28.70 -3.90
N MET B 156 -5.95 28.70 -2.60
CA MET B 156 -5.63 29.92 -1.86
C MET B 156 -4.41 29.62 -1.02
N PRO B 157 -3.51 30.59 -0.80
CA PRO B 157 -2.42 30.30 0.17
C PRO B 157 -2.99 30.05 1.58
N PRO B 158 -2.25 29.34 2.42
CA PRO B 158 -2.78 29.16 3.78
C PRO B 158 -3.04 30.50 4.46
N GLU B 159 -4.00 30.52 5.35
CA GLU B 159 -4.42 31.71 6.08
C GLU B 159 -3.27 32.29 6.93
N ASP B 160 -2.37 31.44 7.44
CA ASP B 160 -1.22 31.93 8.16
C ASP B 160 0.01 32.24 7.25
N PHE B 161 -0.15 32.36 5.92
CA PHE B 161 1.02 32.66 5.08
C PHE B 161 1.60 34.05 5.28
N LEU B 162 0.74 35.03 5.44
CA LEU B 162 1.18 36.38 5.55
C LEU B 162 1.18 36.91 7.00
N VAL B 163 1.34 36.05 7.98
CA VAL B 163 1.81 36.43 9.32
C VAL B 163 3.14 37.16 9.18
N ASN B 164 3.28 38.24 9.91
CA ASN B 164 4.54 39.02 10.00
C ASN B 164 5.02 39.48 8.63
N GLN B 165 4.10 40.12 7.90
CA GLN B 165 4.39 40.58 6.54
C GLN B 165 4.82 42.06 6.50
N ASP B 166 4.72 42.70 7.64
CA ASP B 166 5.05 44.13 7.84
C ASP B 166 3.79 44.89 8.18
N SER C 18 -13.98 27.71 19.50
CA SER C 18 -14.77 27.26 20.69
C SER C 18 -14.48 25.81 21.04
N LEU C 19 -14.61 25.48 22.32
CA LEU C 19 -14.29 24.15 22.80
C LEU C 19 -15.51 23.20 22.74
N LYS C 20 -16.71 23.69 22.37
CA LYS C 20 -17.88 22.77 22.25
C LYS C 20 -17.73 22.03 20.96
N LEU C 21 -18.03 20.75 21.02
CA LEU C 21 -17.84 19.91 19.84
C LEU C 21 -19.19 19.54 19.25
N PRO C 22 -19.24 19.30 17.93
CA PRO C 22 -20.41 18.57 17.46
C PRO C 22 -20.70 17.28 18.24
N ASN C 23 -21.92 16.78 18.12
CA ASN C 23 -22.37 15.62 18.91
C ASN C 23 -21.74 14.29 18.52
N ASN C 24 -21.23 14.20 17.30
CA ASN C 24 -20.53 13.00 16.92
C ASN C 24 -18.99 12.98 17.29
N GLN C 25 -18.55 13.89 18.19
CA GLN C 25 -17.13 14.01 18.58
C GLN C 25 -17.03 14.12 20.07
N VAL C 26 -15.92 13.67 20.64
CA VAL C 26 -15.64 13.85 22.02
C VAL C 26 -14.18 14.29 22.24
N TRP C 27 -13.92 14.82 23.42
CA TRP C 27 -12.58 15.16 23.88
C TRP C 27 -12.05 13.98 24.64
N VAL C 28 -10.81 13.68 24.38
CA VAL C 28 -10.05 12.78 25.24
C VAL C 28 -8.76 13.53 25.59
N THR C 29 -8.15 13.12 26.69
CA THR C 29 -6.95 13.73 27.14
C THR C 29 -6.03 12.69 27.72
N ARG C 30 -4.76 13.01 27.78
CA ARG C 30 -3.87 12.33 28.70
C ARG C 30 -2.76 13.26 29.17
N LYS C 31 -2.22 12.93 30.33
CA LYS C 31 -1.24 13.72 31.01
C LYS C 31 0.05 13.56 30.24
N ALA C 32 0.78 14.65 30.15
CA ALA C 32 2.05 14.63 29.42
C ALA C 32 3.18 14.20 30.39
N SER C 33 4.13 13.40 29.93
CA SER C 33 5.35 13.08 30.72
C SER C 33 6.26 14.32 30.93
N GLU C 34 6.85 14.43 32.13
CA GLU C 34 7.78 15.53 32.45
C GLU C 34 9.02 15.32 31.65
N TRP C 35 9.67 16.39 31.18
CA TRP C 35 10.77 16.21 30.28
C TRP C 35 12.09 16.09 31.08
N SER C 36 12.85 15.04 30.81
CA SER C 36 14.13 14.87 31.49
C SER C 36 15.23 15.65 30.76
N ALA C 37 16.31 15.89 31.47
CA ALA C 37 17.50 16.52 30.90
C ALA C 37 18.05 15.66 29.76
N LYS C 38 18.73 16.28 28.81
CA LYS C 38 19.28 15.49 27.74
C LYS C 38 20.76 15.81 27.47
N THR C 39 21.46 14.85 26.89
CA THR C 39 22.89 15.04 26.57
C THR C 39 23.13 15.69 25.18
N ILE C 40 22.30 15.33 24.19
CA ILE C 40 22.41 15.84 22.83
C ILE C 40 21.65 17.16 22.76
N ASP C 41 22.33 18.26 22.46
CA ASP C 41 21.63 19.55 22.32
C ASP C 41 20.98 19.66 20.94
N THR C 42 19.66 19.48 20.89
CA THR C 42 18.91 19.57 19.65
C THR C 42 17.45 19.91 19.97
N ASN C 43 16.67 20.06 18.92
CA ASN C 43 15.26 20.36 19.04
C ASN C 43 14.55 19.22 19.70
N ASP C 44 13.42 19.54 20.27
CA ASP C 44 12.55 18.55 20.90
C ASP C 44 11.33 18.29 20.02
N ALA C 45 11.03 17.04 19.77
CA ALA C 45 9.87 16.67 18.95
C ALA C 45 9.10 15.61 19.65
N ILE C 46 7.79 15.75 19.68
CA ILE C 46 6.92 14.72 20.17
C ILE C 46 6.08 14.26 18.97
N PRO C 47 6.30 13.01 18.53
CA PRO C 47 5.52 12.48 17.44
C PRO C 47 4.08 12.29 17.82
N PHE C 48 3.21 12.50 16.86
CA PHE C 48 1.77 12.30 17.10
C PHE C 48 1.41 10.90 17.57
N LYS C 49 2.08 9.86 17.05
CA LYS C 49 1.81 8.48 17.55
C LYS C 49 2.01 8.38 19.06
N THR C 50 3.03 9.05 19.60
CA THR C 50 3.29 9.03 21.04
C THR C 50 2.22 9.76 21.83
N ILE C 51 1.71 10.85 21.29
CA ILE C 51 0.66 11.60 22.00
C ILE C 51 -0.54 10.72 22.22
N VAL C 52 -0.83 9.90 21.23
CA VAL C 52 -2.03 9.07 21.21
C VAL C 52 -1.88 7.74 21.93
N GLU C 53 -0.67 7.20 22.00
CA GLU C 53 -0.41 5.98 22.77
C GLU C 53 -0.99 6.09 24.19
N GLY C 54 -1.73 5.05 24.59
CA GLY C 54 -2.31 4.99 25.93
C GLY C 54 -3.61 5.76 26.11
N ILE C 55 -4.43 5.78 25.05
CA ILE C 55 -5.77 6.34 25.11
C ILE C 55 -6.72 5.26 24.60
N PRO C 56 -7.47 4.63 25.50
CA PRO C 56 -8.25 3.45 25.10
C PRO C 56 -9.36 3.70 24.06
N GLU C 57 -9.98 4.89 24.05
CA GLU C 57 -11.04 5.24 23.07
C GLU C 57 -10.60 5.26 21.61
N ILE C 58 -9.31 5.09 21.35
CA ILE C 58 -8.75 5.29 20.04
C ILE C 58 -8.41 3.97 19.37
N ASN C 59 -8.79 3.83 18.12
CA ASN C 59 -8.49 2.63 17.35
C ASN C 59 -8.21 3.02 15.91
N SER C 60 -8.00 2.01 15.06
CA SER C 60 -7.62 2.23 13.66
C SER C 60 -8.69 2.94 12.81
N GLU C 61 -9.95 2.94 13.27
CA GLU C 61 -11.06 3.67 12.63
C GLU C 61 -11.30 5.12 13.18
N THR C 62 -10.62 5.53 14.24
CA THR C 62 -10.86 6.86 14.84
C THR C 62 -10.46 7.97 13.88
N LYS C 63 -11.35 8.93 13.67
CA LYS C 63 -10.99 10.16 12.98
C LYS C 63 -10.59 11.25 14.03
N PHE C 64 -9.61 12.07 13.67
CA PHE C 64 -9.04 13.08 14.58
C PHE C 64 -9.34 14.44 14.05
N TYR C 65 -9.90 15.30 14.89
CA TYR C 65 -10.29 16.64 14.47
C TYR C 65 -9.45 17.79 15.01
N ARG C 66 -9.01 17.73 16.27
CA ARG C 66 -8.28 18.85 16.86
C ARG C 66 -7.31 18.34 17.88
N LEU C 67 -6.15 18.98 17.96
CA LEU C 67 -5.20 18.72 19.02
C LEU C 67 -4.89 20.06 19.68
N LEU C 68 -5.10 20.12 20.99
CA LEU C 68 -4.83 21.29 21.79
C LEU C 68 -3.56 20.99 22.61
N ILE C 69 -2.59 21.88 22.47
CA ILE C 69 -1.36 21.84 23.20
C ILE C 69 -1.16 23.16 23.96
N GLY C 70 -0.74 23.07 25.19
CA GLY C 70 -0.42 24.25 26.00
C GLY C 70 0.84 23.98 26.81
N PHE C 71 1.66 25.00 26.96
CA PHE C 71 2.88 24.81 27.71
C PHE C 71 3.43 26.11 28.22
N VAL C 72 4.40 25.98 29.12
CA VAL C 72 5.26 27.04 29.54
C VAL C 72 6.71 26.57 29.37
N ALA C 73 7.54 27.40 28.78
CA ALA C 73 8.96 27.04 28.57
C ALA C 73 9.89 27.92 29.40
N VAL C 74 11.04 27.39 29.75
CA VAL C 74 12.07 28.19 30.45
C VAL C 74 12.90 29.16 29.58
N SER C 75 12.62 29.22 28.28
CA SER C 75 13.37 30.10 27.37
C SER C 75 12.42 30.55 26.24
N ASP C 76 12.76 31.64 25.55
CA ASP C 76 12.14 31.99 24.33
C ASP C 76 12.37 30.87 23.33
N GLY C 77 11.52 30.80 22.34
CA GLY C 77 11.77 29.89 21.26
C GLY C 77 10.66 29.90 20.28
N THR C 78 10.63 28.87 19.45
CA THR C 78 9.55 28.72 18.54
C THR C 78 9.06 27.28 18.54
N PHE C 79 7.84 27.10 18.06
CA PHE C 79 7.27 25.78 17.93
C PHE C 79 6.22 25.67 16.84
N GLY C 80 5.91 24.43 16.52
CA GLY C 80 4.83 24.16 15.57
C GLY C 80 4.75 22.71 15.20
N MET C 81 3.77 22.37 14.36
CA MET C 81 3.57 21.03 13.89
C MET C 81 4.25 20.80 12.55
N VAL C 82 4.94 19.70 12.40
CA VAL C 82 5.63 19.37 11.15
C VAL C 82 5.15 18.02 10.63
N ASP C 83 5.32 17.82 9.32
CA ASP C 83 4.89 16.60 8.59
C ASP C 83 5.97 15.56 8.19
N GLY C 84 7.25 15.83 8.48
CA GLY C 84 8.31 14.80 8.36
C GLY C 84 8.62 14.13 9.68
N ASP C 88 15.01 10.22 9.54
CA ASP C 88 16.00 10.79 8.63
C ASP C 88 16.82 11.93 9.32
N VAL C 89 16.21 13.11 9.39
CA VAL C 89 16.77 14.27 10.08
C VAL C 89 16.01 14.52 11.38
N ILE C 90 16.63 15.27 12.27
CA ILE C 90 15.92 15.78 13.39
C ILE C 90 15.12 16.96 12.85
N PRO C 91 13.79 16.96 13.01
CA PRO C 91 12.96 18.04 12.42
C PRO C 91 13.13 19.41 13.08
N ASP C 92 13.01 20.46 12.26
CA ASP C 92 12.78 21.81 12.73
C ASP C 92 11.25 22.12 12.86
N PRO C 93 10.88 23.12 13.66
CA PRO C 93 9.51 23.63 13.64
C PRO C 93 9.22 24.06 12.19
N PRO C 94 7.96 24.04 11.77
CA PRO C 94 7.70 24.40 10.37
C PRO C 94 8.08 25.86 10.05
N VAL C 95 8.06 26.19 8.75
CA VAL C 95 8.29 27.55 8.30
C VAL C 95 6.98 28.26 8.45
N VAL C 96 6.01 27.88 7.63
CA VAL C 96 4.66 28.43 7.73
C VAL C 96 3.98 27.86 8.99
N GLY C 97 3.39 28.74 9.79
CA GLY C 97 2.66 28.32 10.98
C GLY C 97 3.54 28.08 12.19
N ARG C 98 4.79 28.48 12.10
CA ARG C 98 5.70 28.54 13.23
C ARG C 98 5.19 29.61 14.16
N LEU C 99 5.23 29.36 15.45
CA LEU C 99 4.87 30.39 16.45
C LEU C 99 5.91 30.56 17.52
N GLY C 100 6.08 31.77 17.94
CA GLY C 100 7.06 32.13 18.92
C GLY C 100 6.43 32.05 20.30
N PHE C 101 7.29 31.89 21.27
CA PHE C 101 6.85 31.95 22.64
C PHE C 101 7.92 32.69 23.40
N LYS C 102 7.54 33.21 24.55
CA LYS C 102 8.45 33.86 25.49
C LYS C 102 8.64 32.97 26.71
N LYS C 103 9.80 33.16 27.36
CA LYS C 103 10.14 32.51 28.58
C LYS C 103 9.03 32.71 29.65
N ASN C 104 8.69 31.65 30.36
CA ASN C 104 7.75 31.64 31.47
C ASN C 104 6.35 32.14 31.20
N THR C 105 5.95 32.11 29.94
CA THR C 105 4.65 32.61 29.52
C THR C 105 3.88 31.41 28.93
N TYR C 106 2.64 31.23 29.36
CA TYR C 106 1.74 30.22 28.85
C TYR C 106 1.43 30.47 27.38
N ARG C 107 1.62 29.46 26.58
CA ARG C 107 1.34 29.55 25.14
C ARG C 107 0.51 28.32 24.77
N SER C 108 -0.56 28.49 24.02
CA SER C 108 -1.31 27.36 23.59
C SER C 108 -1.63 27.46 22.13
N ARG C 109 -2.03 26.35 21.55
CA ARG C 109 -2.38 26.32 20.14
C ARG C 109 -3.34 25.17 19.88
N ASP C 110 -4.33 25.43 19.02
CA ASP C 110 -5.27 24.40 18.51
C ASP C 110 -4.83 24.03 17.10
N PHE C 111 -4.50 22.76 16.88
CA PHE C 111 -4.03 22.28 15.60
C PHE C 111 -5.16 21.52 14.96
N ASP C 112 -5.42 21.82 13.71
CA ASP C 112 -6.55 21.22 13.03
C ASP C 112 -6.03 19.94 12.44
N LEU C 113 -6.71 18.83 12.73
CA LEU C 113 -6.23 17.54 12.19
C LEU C 113 -7.04 17.02 11.00
N GLY C 114 -8.10 17.73 10.61
CA GLY C 114 -8.75 17.51 9.32
C GLY C 114 -9.65 16.29 9.19
N GLY C 115 -10.02 15.67 10.29
CA GLY C 115 -10.83 14.48 10.23
C GLY C 115 -10.05 13.28 9.70
N LYS C 116 -8.74 13.27 9.85
CA LYS C 116 -7.92 12.18 9.32
C LYS C 116 -7.76 11.02 10.30
N LEU C 117 -7.36 9.86 9.77
CA LEU C 117 -7.09 8.67 10.54
C LEU C 117 -5.64 8.68 10.99
N LEU C 118 -5.34 7.84 11.98
CA LEU C 118 -4.00 7.78 12.53
C LEU C 118 -2.91 7.47 11.52
N ASN C 119 -3.17 6.54 10.61
CA ASN C 119 -2.14 6.22 9.60
C ASN C 119 -1.76 7.40 8.70
N GLN C 120 -2.66 8.39 8.58
CA GLN C 120 -2.37 9.63 7.83
C GLN C 120 -1.71 10.71 8.66
N LEU C 121 -1.67 10.57 9.98
CA LEU C 121 -1.09 11.55 10.87
C LEU C 121 0.21 11.04 11.53
N ASP C 122 0.58 9.80 11.26
CA ASP C 122 1.71 9.13 11.91
C ASP C 122 3.07 9.69 11.54
N ASP C 123 3.15 10.53 10.52
CA ASP C 123 4.41 11.23 10.18
C ASP C 123 4.50 12.65 10.80
N ARG C 124 3.51 13.03 11.63
CA ARG C 124 3.47 14.37 12.21
C ARG C 124 4.08 14.45 13.60
N ALA C 125 4.62 15.62 13.91
CA ALA C 125 5.17 15.86 15.24
C ALA C 125 5.01 17.30 15.62
N ILE C 126 5.01 17.56 16.92
CA ILE C 126 5.13 18.92 17.40
C ILE C 126 6.58 19.09 17.79
N VAL C 127 7.15 20.18 17.36
CA VAL C 127 8.54 20.42 17.53
C VAL C 127 8.73 21.77 18.20
N TRP C 128 9.62 21.80 19.19
CA TRP C 128 10.03 23.02 19.89
C TRP C 128 11.48 23.26 19.62
N CYS C 129 11.81 24.52 19.38
CA CYS C 129 13.20 24.95 19.26
C CYS C 129 13.45 26.09 20.27
N LEU C 130 14.24 25.79 21.30
CA LEU C 130 14.51 26.73 22.37
C LEU C 130 15.78 27.50 22.11
N ASP C 131 15.76 28.79 22.39
CA ASP C 131 16.92 29.66 22.22
C ASP C 131 18.03 29.32 23.23
N GLU C 132 17.66 29.02 24.47
CA GLU C 132 18.60 28.73 25.55
C GLU C 132 18.11 27.55 26.38
N ARG C 133 18.97 27.06 27.27
CA ARG C 133 18.64 26.00 28.20
C ARG C 133 18.08 24.76 27.52
N ARG C 134 18.66 24.45 26.35
CA ARG C 134 18.13 23.47 25.41
C ARG C 134 18.23 22.04 25.93
N ARG C 135 19.01 21.81 26.98
CA ARG C 135 19.18 20.47 27.53
C ARG C 135 18.64 20.27 28.96
N ASP C 136 18.14 21.33 29.56
CA ASP C 136 17.68 21.30 30.94
C ASP C 136 16.43 20.46 31.14
N ALA C 137 16.36 19.85 32.32
CA ALA C 137 15.20 19.15 32.72
C ALA C 137 14.05 20.14 32.85
N LYS C 138 12.85 19.68 32.54
CA LYS C 138 11.65 20.53 32.56
C LYS C 138 11.80 21.82 31.74
N ARG C 139 12.58 21.80 30.67
CA ARG C 139 12.71 23.02 29.88
C ARG C 139 11.37 23.46 29.26
N VAL C 140 10.49 22.51 29.01
CA VAL C 140 9.13 22.76 28.54
C VAL C 140 8.24 21.99 29.48
N GLN C 141 7.26 22.65 30.03
CA GLN C 141 6.28 21.98 30.89
C GLN C 141 4.94 22.00 30.21
N LEU C 142 4.41 20.84 29.90
CA LEU C 142 3.19 20.73 29.11
C LEU C 142 1.95 20.61 30.00
N ALA C 143 0.84 21.26 29.64
CA ALA C 143 -0.44 20.87 30.14
C ALA C 143 -0.83 19.49 29.56
N GLY C 144 -1.94 18.92 30.00
CA GLY C 144 -2.42 17.67 29.33
C GLY C 144 -2.68 17.89 27.83
N TYR C 145 -2.55 16.83 27.02
CA TYR C 145 -2.88 16.89 25.61
C TYR C 145 -4.39 16.72 25.55
N TRP C 146 -5.07 17.50 24.70
CA TRP C 146 -6.51 17.31 24.47
C TRP C 146 -6.73 17.09 23.02
N ILE C 147 -7.51 16.06 22.68
CA ILE C 147 -7.71 15.65 21.31
C ILE C 147 -9.18 15.41 21.09
N ALA C 148 -9.69 15.99 20.00
CA ALA C 148 -11.10 15.81 19.65
C ALA C 148 -11.12 14.71 18.61
N ILE C 149 -11.89 13.70 18.91
CA ILE C 149 -12.00 12.54 18.03
C ILE C 149 -13.48 12.18 17.74
N SER C 150 -13.68 11.36 16.72
CA SER C 150 -14.99 10.69 16.49
C SER C 150 -15.41 9.93 17.72
N LYS C 151 -16.68 10.07 18.07
CA LYS C 151 -17.22 9.49 19.29
C LYS C 151 -17.14 7.96 19.25
N PRO C 152 -16.52 7.33 20.25
CA PRO C 152 -16.31 5.88 20.24
C PRO C 152 -17.58 5.11 20.59
N ALA C 153 -17.65 3.85 20.18
CA ALA C 153 -18.84 3.00 20.43
C ALA C 153 -19.06 2.82 21.95
N PRO C 154 -20.32 2.87 22.44
CA PRO C 154 -20.54 2.64 23.89
C PRO C 154 -19.94 1.29 24.34
N LEU C 155 -19.27 1.27 25.48
CA LEU C 155 -18.59 0.07 25.95
C LEU C 155 -19.61 -0.97 26.41
N MET C 156 -19.47 -2.22 25.99
CA MET C 156 -20.31 -3.29 26.52
C MET C 156 -19.43 -4.49 26.80
N PRO C 157 -19.71 -5.25 27.87
CA PRO C 157 -19.00 -6.54 28.03
C PRO C 157 -19.33 -7.54 26.89
N PRO C 158 -18.49 -8.56 26.66
CA PRO C 158 -18.91 -9.54 25.63
C PRO C 158 -20.23 -10.17 25.97
N GLU C 159 -20.99 -10.51 24.94
CA GLU C 159 -22.34 -11.07 25.13
C GLU C 159 -22.29 -12.36 25.95
N ASP C 160 -21.26 -13.16 25.74
CA ASP C 160 -21.14 -14.37 26.52
C ASP C 160 -20.51 -14.21 27.93
N PHE C 161 -20.43 -13.00 28.47
CA PHE C 161 -19.72 -12.85 29.76
C PHE C 161 -20.37 -13.58 30.91
N LEU C 162 -21.69 -13.59 30.97
CA LEU C 162 -22.35 -14.22 32.10
C LEU C 162 -22.90 -15.64 31.86
N VAL C 163 -22.49 -16.29 30.79
CA VAL C 163 -22.94 -17.67 30.56
C VAL C 163 -22.02 -18.71 31.21
N ASN C 164 -22.53 -19.32 32.28
CA ASN C 164 -21.75 -20.00 33.37
C ASN C 164 -20.77 -19.08 34.14
#